data_2JG0
#
_entry.id   2JG0
#
_cell.length_a   49.184
_cell.length_b   101.719
_cell.length_c   102.509
_cell.angle_alpha   90.00
_cell.angle_beta   90.00
_cell.angle_gamma   90.00
#
_symmetry.space_group_name_H-M   'P 21 21 21'
#
loop_
_entity.id
_entity.type
_entity.pdbx_description
1 polymer 'PERIPLASMIC TREHALASE'
2 non-polymer 'N-[(3aS,4R,5S,6S,6aS)-4,5,6-trihydroxy-4-(hydroxymethyl)-4,5,6,6a-tetrahydro-3aH-cyclopenta[d][1,3]thiazol-2-yl]-alpha- D-glucopyranosylamine'
3 water water
#
_entity_poly.entity_id   1
_entity_poly.type   'polypeptide(L)'
_entity_poly.pdbx_seq_one_letter_code
;EETPVTPQPPDILLGPLFNDVQNAKLFPDQKTFADAVPNSDPLMILADYRMQQNQSGFDLRHFVNVNFTLPKEGEKYVPP
EGQSLREHIDGLWPVLTRSTENTEKWDSLLPLPEPYVVPGGRFREVYYWDSYFTMLGLAESGHWDKVADMVANFAHEIDT
YGHIPNGNRSYYLSRSQPPFFALMVELLAQHEGDAALKQYLPQMQKEYAYWMDGVENLQAGQQEKRVVKLQDGTLLNRYW
DDRDTPRPESWVEDIATAKSNPNRPATEIYRDLRSAAASGWDFSSRWMDNPQQLNTLRTTSIVPVDLNSLMFKMEKILAR
ASKAAGDNAMANQYETLANARQKGIEKYLWNDQQGWYADYDLKSHKVRNQLTAAALFPLYVNAAAKDRANKMATATKTHL
LQPGGLNTTSVKSGQQWDAPNGWAPLQWVATEGLQNYGQKEVAMDISWHFLTNVQHTYDREKKLVEKYDVSTTGTGGGGG
EYPLQDGFGWTNGVTLKMLDLICPKEQPCDNVPATRPTVKSATTQPSTKEAQPTP
;
_entity_poly.pdbx_strand_id   A
#
loop_
_chem_comp.id
_chem_comp.type
_chem_comp.name
_chem_comp.formula
TTZ D-saccharide 'N-[(3aS,4R,5S,6S,6aS)-4,5,6-trihydroxy-4-(hydroxymethyl)-4,5,6,6a-tetrahydro-3aH-cyclopenta[d][1,3]thiazol-2-yl]-alpha- D-glucopyranosylamine' 'C13 H22 N2 O9 S'
#
# COMPACT_ATOMS: atom_id res chain seq x y z
N PRO A 7 6.50 -21.29 5.25
CA PRO A 7 5.68 -21.34 4.03
C PRO A 7 6.51 -21.04 2.76
N GLN A 8 6.57 -22.00 1.84
CA GLN A 8 7.32 -21.76 0.60
C GLN A 8 6.37 -21.22 -0.46
N PRO A 9 6.76 -20.14 -1.13
CA PRO A 9 5.86 -19.57 -2.15
C PRO A 9 5.63 -20.57 -3.28
N PRO A 10 4.52 -20.43 -4.02
CA PRO A 10 4.15 -21.47 -4.96
C PRO A 10 5.16 -21.79 -6.05
N ASP A 11 5.96 -20.83 -6.48
CA ASP A 11 6.96 -21.07 -7.53
C ASP A 11 8.03 -22.01 -7.05
N ILE A 12 8.23 -22.05 -5.73
CA ILE A 12 9.22 -22.95 -5.13
CA ILE A 12 9.22 -22.93 -5.11
C ILE A 12 8.54 -24.25 -4.77
N LEU A 13 7.44 -24.16 -4.04
CA LEU A 13 6.66 -25.33 -3.63
C LEU A 13 6.30 -26.21 -4.81
N LEU A 14 5.89 -25.58 -5.92
CA LEU A 14 5.39 -26.34 -7.07
C LEU A 14 6.31 -26.26 -8.29
N GLY A 15 7.52 -25.74 -8.09
CA GLY A 15 8.55 -25.65 -9.11
C GLY A 15 8.15 -25.66 -10.57
N PRO A 16 8.63 -26.67 -11.31
CA PRO A 16 8.43 -26.56 -12.76
C PRO A 16 6.95 -26.55 -13.13
N LEU A 17 6.13 -27.20 -12.32
CA LEU A 17 4.71 -27.26 -12.64
C LEU A 17 4.13 -25.85 -12.54
N PHE A 18 4.52 -25.11 -11.51
CA PHE A 18 4.01 -23.75 -11.34
C PHE A 18 4.33 -22.89 -12.56
N ASN A 19 5.61 -22.88 -12.94
CA ASN A 19 6.06 -22.14 -14.09
C ASN A 19 5.25 -22.57 -15.33
N ASP A 20 5.08 -23.87 -15.51
CA ASP A 20 4.41 -24.35 -16.70
C ASP A 20 2.95 -23.94 -16.76
N VAL A 21 2.24 -23.98 -15.62
CA VAL A 21 0.83 -23.62 -15.57
C VAL A 21 0.64 -22.12 -15.81
N GLN A 22 1.50 -21.32 -15.19
CA GLN A 22 1.45 -19.89 -15.39
C GLN A 22 1.73 -19.55 -16.83
N ASN A 23 2.82 -20.10 -17.36
CA ASN A 23 3.22 -19.79 -18.73
C ASN A 23 2.19 -20.22 -19.74
N ALA A 24 1.44 -21.29 -19.42
CA ALA A 24 0.36 -21.78 -20.31
C ALA A 24 -0.84 -20.82 -20.34
N LYS A 25 -0.89 -19.90 -19.40
CA LYS A 25 -2.00 -18.92 -19.29
C LYS A 25 -3.37 -19.64 -19.31
N LEU A 26 -3.46 -20.73 -18.56
CA LEU A 26 -4.72 -21.46 -18.42
C LEU A 26 -5.81 -20.60 -17.81
N PHE A 27 -5.39 -19.67 -16.96
CA PHE A 27 -6.31 -18.77 -16.30
C PHE A 27 -5.99 -17.34 -16.68
N PRO A 28 -7.02 -16.52 -16.87
CA PRO A 28 -6.79 -15.16 -17.34
C PRO A 28 -6.11 -14.20 -16.36
N ASP A 29 -6.08 -14.56 -15.09
CA ASP A 29 -5.36 -13.81 -14.06
C ASP A 29 -4.26 -14.72 -13.54
N GLN A 30 -3.02 -14.26 -13.57
CA GLN A 30 -1.91 -15.05 -13.01
C GLN A 30 -2.07 -15.24 -11.51
N LYS A 31 -2.86 -14.40 -10.84
CA LYS A 31 -3.03 -14.60 -9.41
C LYS A 31 -3.83 -15.86 -9.11
N THR A 32 -4.64 -16.31 -10.08
CA THR A 32 -5.52 -17.41 -9.83
C THR A 32 -4.75 -18.66 -9.43
N PHE A 33 -3.76 -19.03 -10.23
CA PHE A 33 -3.04 -20.24 -9.90
C PHE A 33 -2.11 -20.03 -8.70
N ALA A 34 -1.60 -18.81 -8.51
CA ALA A 34 -0.86 -18.50 -7.27
C ALA A 34 -1.66 -18.81 -5.99
N ASP A 35 -2.98 -18.75 -6.09
CA ASP A 35 -3.90 -19.05 -4.99
C ASP A 35 -4.49 -20.44 -5.05
N ALA A 36 -3.98 -21.29 -5.94
CA ALA A 36 -4.47 -22.66 -6.01
C ALA A 36 -4.01 -23.45 -4.77
N VAL A 37 -4.85 -24.35 -4.30
CA VAL A 37 -4.46 -25.21 -3.19
C VAL A 37 -4.23 -26.63 -3.69
N PRO A 38 -3.00 -27.14 -3.52
CA PRO A 38 -2.76 -28.52 -3.92
C PRO A 38 -3.67 -29.49 -3.16
N ASN A 39 -4.21 -30.47 -3.87
CA ASN A 39 -5.08 -31.49 -3.28
C ASN A 39 -4.31 -32.61 -2.57
N SER A 40 -3.00 -32.63 -2.75
CA SER A 40 -2.13 -33.61 -2.11
C SER A 40 -0.72 -33.06 -2.05
N ASP A 41 0.18 -33.81 -1.44
CA ASP A 41 1.55 -33.38 -1.22
C ASP A 41 2.15 -32.92 -2.53
N PRO A 42 2.60 -31.67 -2.60
CA PRO A 42 3.27 -31.20 -3.80
C PRO A 42 4.36 -32.13 -4.32
N LEU A 43 5.12 -32.78 -3.45
CA LEU A 43 6.18 -33.69 -3.92
C LEU A 43 5.59 -34.83 -4.77
N MET A 44 4.43 -35.33 -4.35
N MET A 44 4.41 -35.32 -4.38
CA MET A 44 3.71 -36.38 -5.08
CA MET A 44 3.74 -36.39 -5.11
C MET A 44 3.23 -35.85 -6.42
C MET A 44 3.11 -35.89 -6.40
N ILE A 45 2.62 -34.66 -6.39
CA ILE A 45 2.08 -34.05 -7.61
C ILE A 45 3.20 -33.81 -8.64
N LEU A 46 4.33 -33.31 -8.17
CA LEU A 46 5.46 -33.02 -9.05
C LEU A 46 6.00 -34.32 -9.66
N ALA A 47 6.06 -35.40 -8.88
CA ALA A 47 6.60 -36.66 -9.42
C ALA A 47 5.64 -37.20 -10.48
N ASP A 48 4.35 -37.11 -10.22
CA ASP A 48 3.34 -37.54 -11.14
C ASP A 48 3.46 -36.71 -12.41
N TYR A 49 3.49 -35.40 -12.26
CA TYR A 49 3.66 -34.51 -13.42
C TYR A 49 4.90 -34.88 -14.25
N ARG A 50 6.01 -35.18 -13.59
CA ARG A 50 7.25 -35.52 -14.31
C ARG A 50 7.04 -36.73 -15.18
N MET A 51 6.22 -37.68 -14.70
CA MET A 51 5.94 -38.91 -15.44
C MET A 51 5.02 -38.65 -16.60
N GLN A 52 4.06 -37.73 -16.43
CA GLN A 52 3.02 -37.57 -17.42
C GLN A 52 3.33 -36.52 -18.48
N GLN A 53 4.13 -35.53 -18.15
CA GLN A 53 4.20 -34.31 -18.96
C GLN A 53 4.66 -34.54 -20.40
N ASN A 54 5.57 -35.49 -20.61
CA ASN A 54 6.09 -35.81 -21.93
C ASN A 54 5.35 -36.97 -22.60
N GLN A 55 4.27 -37.46 -21.98
CA GLN A 55 3.54 -38.60 -22.55
C GLN A 55 2.58 -38.10 -23.62
N SER A 56 2.34 -38.93 -24.64
CA SER A 56 1.45 -38.53 -25.71
C SER A 56 0.05 -38.31 -25.17
N GLY A 57 -0.56 -37.19 -25.57
CA GLY A 57 -1.91 -36.82 -25.12
C GLY A 57 -2.02 -36.18 -23.75
N PHE A 58 -0.89 -35.86 -23.11
CA PHE A 58 -0.97 -35.19 -21.80
C PHE A 58 -1.71 -33.86 -21.91
N ASP A 59 -2.67 -33.62 -21.02
CA ASP A 59 -3.40 -32.35 -20.97
C ASP A 59 -3.22 -31.62 -19.62
N LEU A 60 -2.47 -30.52 -19.68
CA LEU A 60 -2.06 -29.79 -18.48
C LEU A 60 -3.27 -29.29 -17.71
N ARG A 61 -4.27 -28.78 -18.43
CA ARG A 61 -5.45 -28.25 -17.77
C ARG A 61 -6.17 -29.32 -16.97
N HIS A 62 -6.34 -30.51 -17.56
CA HIS A 62 -6.96 -31.62 -16.82
C HIS A 62 -6.11 -32.00 -15.61
N PHE A 63 -4.79 -32.02 -15.77
CA PHE A 63 -3.90 -32.35 -14.66
C PHE A 63 -4.08 -31.35 -13.51
N VAL A 64 -4.18 -30.07 -13.87
CA VAL A 64 -4.44 -29.04 -12.85
C VAL A 64 -5.81 -29.22 -12.16
N ASN A 65 -6.84 -29.46 -12.94
CA ASN A 65 -8.20 -29.66 -12.38
C ASN A 65 -8.27 -30.80 -11.38
N VAL A 66 -7.53 -31.87 -11.65
CA VAL A 66 -7.43 -33.02 -10.76
CA VAL A 66 -7.53 -32.98 -10.70
C VAL A 66 -6.65 -32.66 -9.48
N ASN A 67 -5.52 -32.02 -9.68
CA ASN A 67 -4.59 -31.89 -8.58
C ASN A 67 -4.71 -30.65 -7.68
N PHE A 68 -5.54 -29.68 -8.04
CA PHE A 68 -5.66 -28.41 -7.29
C PHE A 68 -7.10 -27.98 -7.15
N THR A 69 -7.36 -27.24 -6.07
CA THR A 69 -8.60 -26.53 -5.88
C THR A 69 -8.33 -25.06 -6.14
N LEU A 70 -9.12 -24.48 -7.02
CA LEU A 70 -8.90 -23.10 -7.47
C LEU A 70 -9.83 -22.17 -6.69
N PRO A 71 -9.46 -20.88 -6.55
CA PRO A 71 -10.34 -20.00 -5.79
C PRO A 71 -11.76 -19.85 -6.36
N LYS A 72 -12.73 -19.68 -5.45
CA LYS A 72 -14.14 -19.61 -5.80
C LYS A 72 -14.49 -18.29 -6.47
N TYR A 77 -22.91 -8.80 -5.69
CA TYR A 77 -24.09 -8.28 -4.99
C TYR A 77 -24.55 -6.93 -5.50
N VAL A 78 -25.84 -6.67 -5.31
CA VAL A 78 -26.47 -5.45 -5.75
C VAL A 78 -27.22 -4.85 -4.56
N PRO A 79 -27.03 -3.54 -4.30
CA PRO A 79 -27.72 -2.91 -3.19
C PRO A 79 -29.23 -2.93 -3.41
N PRO A 80 -29.99 -3.02 -2.32
CA PRO A 80 -31.43 -2.86 -2.50
C PRO A 80 -31.79 -1.45 -2.98
N GLU A 81 -32.99 -1.33 -3.52
CA GLU A 81 -33.42 -0.09 -4.16
C GLU A 81 -33.32 1.10 -3.22
N GLY A 82 -32.59 2.13 -3.67
CA GLY A 82 -32.43 3.36 -2.90
C GLY A 82 -31.49 3.28 -1.71
N GLN A 83 -30.71 2.21 -1.60
CA GLN A 83 -29.77 2.13 -0.49
C GLN A 83 -28.73 3.24 -0.61
N SER A 84 -28.56 3.95 0.49
CA SER A 84 -27.61 5.05 0.52
C SER A 84 -26.18 4.55 0.47
N LEU A 85 -25.29 5.46 0.08
CA LEU A 85 -23.87 5.17 0.10
C LEU A 85 -23.39 4.66 1.46
N ARG A 86 -23.75 5.36 2.52
CA ARG A 86 -23.32 4.98 3.86
C ARG A 86 -23.82 3.58 4.22
N GLU A 87 -25.11 3.34 3.98
CA GLU A 87 -25.71 2.04 4.29
C GLU A 87 -25.05 0.92 3.51
N HIS A 88 -24.78 1.17 2.23
CA HIS A 88 -24.11 0.19 1.38
C HIS A 88 -22.75 -0.18 1.96
N ILE A 89 -21.95 0.85 2.26
CA ILE A 89 -20.67 0.63 2.89
C ILE A 89 -20.78 -0.20 4.18
N ASP A 90 -21.65 0.18 5.10
CA ASP A 90 -21.81 -0.54 6.37
CA ASP A 90 -21.72 -0.56 6.37
C ASP A 90 -22.18 -2.00 6.12
N GLY A 91 -23.05 -2.20 5.14
CA GLY A 91 -23.54 -3.53 4.82
C GLY A 91 -22.51 -4.41 4.19
N LEU A 92 -21.49 -3.82 3.56
CA LEU A 92 -20.48 -4.58 2.85
C LEU A 92 -19.38 -5.11 3.76
N TRP A 93 -19.22 -4.58 4.95
CA TRP A 93 -18.13 -5.07 5.77
C TRP A 93 -18.13 -6.60 5.93
N PRO A 94 -19.29 -7.21 6.27
CA PRO A 94 -19.25 -8.66 6.42
C PRO A 94 -18.90 -9.41 5.13
N VAL A 95 -19.31 -8.86 4.00
CA VAL A 95 -19.01 -9.42 2.69
C VAL A 95 -17.51 -9.43 2.45
N LEU A 96 -16.84 -8.39 2.94
CA LEU A 96 -15.39 -8.25 2.74
C LEU A 96 -14.58 -8.90 3.86
N THR A 97 -15.24 -9.53 4.82
CA THR A 97 -14.57 -10.10 5.97
C THR A 97 -14.31 -11.57 5.75
N ARG A 98 -13.10 -12.02 6.10
CA ARG A 98 -12.67 -13.40 5.97
C ARG A 98 -12.11 -13.88 7.31
N SER A 99 -12.25 -15.18 7.60
CA SER A 99 -11.79 -15.76 8.88
C SER A 99 -11.03 -17.02 8.54
N THR A 100 -9.69 -16.99 8.60
CA THR A 100 -8.82 -18.13 8.30
C THR A 100 -7.85 -18.32 9.45
N GLU A 101 -8.36 -18.87 10.55
CA GLU A 101 -7.54 -19.23 11.71
CA GLU A 101 -7.52 -19.21 11.70
C GLU A 101 -6.60 -20.37 11.35
N ASN A 102 -7.07 -21.27 10.49
CA ASN A 102 -6.27 -22.36 9.96
C ASN A 102 -6.53 -22.43 8.48
N THR A 103 -5.61 -23.03 7.75
CA THR A 103 -5.71 -23.19 6.31
CA THR A 103 -5.80 -23.22 6.32
C THR A 103 -5.44 -24.65 5.95
N GLU A 104 -5.94 -25.09 4.80
CA GLU A 104 -5.60 -26.42 4.32
C GLU A 104 -4.11 -26.48 4.10
N LYS A 105 -3.58 -27.70 4.08
CA LYS A 105 -2.16 -27.84 3.88
C LYS A 105 -1.81 -27.36 2.46
N TRP A 106 -0.69 -26.67 2.37
CA TRP A 106 -0.08 -26.16 1.14
C TRP A 106 -0.84 -24.99 0.48
N ASP A 107 -1.81 -24.42 1.19
CA ASP A 107 -2.46 -23.19 0.77
C ASP A 107 -1.44 -22.09 0.82
N SER A 108 -1.49 -21.20 -0.16
CA SER A 108 -0.65 -20.01 -0.10
C SER A 108 -1.18 -18.96 0.85
N LEU A 109 -2.47 -19.05 1.19
CA LEU A 109 -3.03 -18.18 2.24
C LEU A 109 -2.43 -18.50 3.60
N LEU A 110 -1.98 -17.45 4.30
CA LEU A 110 -1.34 -17.58 5.60
C LEU A 110 -2.36 -17.35 6.73
N PRO A 111 -2.35 -18.21 7.75
CA PRO A 111 -3.36 -18.10 8.81
C PRO A 111 -3.22 -16.84 9.64
N LEU A 112 -4.34 -16.32 10.12
CA LEU A 112 -4.35 -15.15 11.00
C LEU A 112 -5.27 -15.49 12.16
N PRO A 113 -4.96 -14.99 13.35
CA PRO A 113 -5.79 -15.38 14.51
C PRO A 113 -7.22 -14.79 14.58
N GLU A 114 -7.44 -13.64 13.94
CA GLU A 114 -8.76 -12.98 13.98
C GLU A 114 -9.29 -12.72 12.58
N PRO A 115 -10.61 -12.50 12.46
CA PRO A 115 -11.17 -12.17 11.16
C PRO A 115 -10.56 -10.86 10.65
N TYR A 116 -10.60 -10.67 9.34
CA TYR A 116 -10.02 -9.50 8.69
C TYR A 116 -10.81 -9.08 7.48
N VAL A 117 -10.68 -7.81 7.14
CA VAL A 117 -11.32 -7.25 5.95
C VAL A 117 -10.31 -7.26 4.82
N VAL A 118 -10.73 -7.77 3.66
CA VAL A 118 -9.92 -7.81 2.47
C VAL A 118 -10.42 -6.71 1.52
N PRO A 119 -9.58 -6.29 0.55
CA PRO A 119 -10.03 -5.17 -0.32
C PRO A 119 -11.23 -5.49 -1.17
N GLY A 120 -11.31 -6.70 -1.72
CA GLY A 120 -12.37 -7.06 -2.66
C GLY A 120 -11.83 -7.69 -3.93
N GLY A 121 -12.71 -8.38 -4.64
CA GLY A 121 -12.35 -8.89 -5.97
C GLY A 121 -11.24 -9.91 -5.88
N ARG A 122 -10.26 -9.76 -6.76
CA ARG A 122 -9.12 -10.68 -6.77
C ARG A 122 -8.27 -10.61 -5.50
N PHE A 123 -8.48 -9.57 -4.69
CA PHE A 123 -7.71 -9.37 -3.48
C PHE A 123 -8.45 -10.07 -2.37
N ARG A 124 -8.09 -11.33 -2.21
CA ARG A 124 -8.79 -12.27 -1.33
C ARG A 124 -7.89 -12.65 -0.15
N GLU A 125 -7.18 -11.65 0.34
CA GLU A 125 -6.31 -11.76 1.48
C GLU A 125 -6.20 -10.34 2.04
N VAL A 126 -5.71 -10.22 3.26
CA VAL A 126 -5.54 -8.92 3.88
C VAL A 126 -4.33 -8.27 3.24
N TYR A 127 -4.37 -6.94 3.14
CA TYR A 127 -3.26 -6.13 2.65
C TYR A 127 -2.85 -5.16 3.72
N TYR A 128 -1.57 -4.85 3.74
CA TYR A 128 -1.03 -4.04 4.82
C TYR A 128 -1.57 -2.60 4.79
N TRP A 129 -1.16 -1.76 3.84
CA TRP A 129 -1.56 -0.36 3.97
C TRP A 129 -3.04 -0.16 3.75
N ASP A 130 -3.66 -1.01 2.93
CA ASP A 130 -5.13 -0.89 2.73
C ASP A 130 -5.85 -0.96 4.04
N SER A 131 -5.35 -1.85 4.90
CA SER A 131 -6.05 -2.08 6.14
C SER A 131 -6.16 -0.86 7.01
N TYR A 132 -5.16 0.01 6.98
CA TYR A 132 -5.22 1.24 7.80
C TYR A 132 -6.42 2.05 7.40
N PHE A 133 -6.58 2.25 6.11
CA PHE A 133 -7.62 3.13 5.62
C PHE A 133 -8.98 2.44 5.80
N THR A 134 -9.01 1.12 5.67
CA THR A 134 -10.20 0.33 5.95
C THR A 134 -10.56 0.47 7.44
N MET A 135 -9.55 0.36 8.31
CA MET A 135 -9.74 0.51 9.75
C MET A 135 -10.26 1.90 10.15
N LEU A 136 -9.83 2.95 9.46
CA LEU A 136 -10.38 4.28 9.73
C LEU A 136 -11.91 4.27 9.57
N GLY A 137 -12.41 3.59 8.55
CA GLY A 137 -13.85 3.45 8.31
C GLY A 137 -14.52 2.59 9.35
N LEU A 138 -13.89 1.48 9.71
CA LEU A 138 -14.44 0.57 10.71
C LEU A 138 -14.57 1.34 12.05
N ALA A 139 -13.54 2.12 12.36
CA ALA A 139 -13.52 2.92 13.61
C ALA A 139 -14.61 4.01 13.60
N GLU A 140 -14.75 4.68 12.45
CA GLU A 140 -15.75 5.73 12.25
CA GLU A 140 -15.75 5.74 12.29
C GLU A 140 -17.16 5.19 12.47
N SER A 141 -17.38 3.94 12.08
CA SER A 141 -18.68 3.30 12.18
C SER A 141 -18.84 2.45 13.45
N GLY A 142 -17.90 2.62 14.38
CA GLY A 142 -18.00 2.03 15.72
C GLY A 142 -17.58 0.58 15.83
N HIS A 143 -17.05 -0.01 14.75
CA HIS A 143 -16.61 -1.39 14.76
C HIS A 143 -15.18 -1.48 15.32
N TRP A 144 -14.97 -0.95 16.53
CA TRP A 144 -13.65 -0.98 17.14
C TRP A 144 -13.20 -2.38 17.43
N ASP A 145 -14.12 -3.34 17.58
CA ASP A 145 -13.71 -4.73 17.77
C ASP A 145 -12.93 -5.21 16.56
N LYS A 146 -13.41 -4.84 15.38
CA LYS A 146 -12.78 -5.25 14.15
C LYS A 146 -11.42 -4.54 13.99
N VAL A 147 -11.35 -3.28 14.42
CA VAL A 147 -10.08 -2.54 14.42
C VAL A 147 -9.09 -3.28 15.30
N ALA A 148 -9.48 -3.56 16.53
CA ALA A 148 -8.63 -4.30 17.44
C ALA A 148 -8.21 -5.67 16.86
N ASP A 149 -9.14 -6.39 16.25
CA ASP A 149 -8.84 -7.67 15.59
C ASP A 149 -7.73 -7.50 14.54
N MET A 150 -7.81 -6.43 13.78
CA MET A 150 -6.84 -6.18 12.71
CA MET A 150 -6.84 -6.29 12.71
C MET A 150 -5.45 -5.88 13.25
N VAL A 151 -5.40 -5.02 14.28
CA VAL A 151 -4.13 -4.69 14.91
C VAL A 151 -3.51 -5.99 15.45
N ALA A 152 -4.32 -6.79 16.13
CA ALA A 152 -3.86 -8.08 16.63
C ALA A 152 -3.31 -8.98 15.51
N ASN A 153 -4.00 -9.02 14.39
CA ASN A 153 -3.53 -9.78 13.25
C ASN A 153 -2.15 -9.33 12.78
N PHE A 154 -1.99 -8.01 12.66
CA PHE A 154 -0.71 -7.49 12.18
C PHE A 154 0.42 -7.67 13.19
N ALA A 155 0.10 -7.52 14.47
CA ALA A 155 1.05 -7.81 15.52
C ALA A 155 1.49 -9.26 15.42
N HIS A 156 0.53 -10.15 15.21
CA HIS A 156 0.86 -11.57 15.02
C HIS A 156 1.81 -11.79 13.84
N GLU A 157 1.53 -11.11 12.73
CA GLU A 157 2.41 -11.24 11.57
C GLU A 157 3.79 -10.73 11.87
N ILE A 158 3.89 -9.60 12.57
CA ILE A 158 5.22 -9.10 12.96
C ILE A 158 5.99 -10.14 13.77
N ASP A 159 5.34 -10.73 14.75
CA ASP A 159 6.04 -11.70 15.60
C ASP A 159 6.34 -12.99 14.86
N THR A 160 5.46 -13.38 13.94
CA THR A 160 5.61 -14.66 13.26
C THR A 160 6.67 -14.62 12.14
N TYR A 161 6.61 -13.56 11.34
CA TYR A 161 7.48 -13.41 10.17
C TYR A 161 8.58 -12.39 10.29
N GLY A 162 8.47 -11.53 11.31
CA GLY A 162 9.40 -10.46 11.55
C GLY A 162 9.01 -9.14 10.93
N HIS A 163 7.95 -9.17 10.12
CA HIS A 163 7.46 -7.99 9.43
C HIS A 163 6.05 -8.26 8.99
N ILE A 164 5.36 -7.20 8.54
CA ILE A 164 4.06 -7.39 7.95
C ILE A 164 4.21 -7.63 6.44
N PRO A 165 3.87 -8.84 5.95
CA PRO A 165 3.96 -9.05 4.50
C PRO A 165 2.98 -8.15 3.73
N ASN A 166 3.25 -7.94 2.46
CA ASN A 166 2.35 -7.19 1.59
C ASN A 166 0.88 -7.59 1.79
N GLY A 167 0.66 -8.89 1.92
CA GLY A 167 -0.63 -9.46 2.33
C GLY A 167 -0.36 -10.84 2.90
N ASN A 168 -1.40 -11.48 3.43
CA ASN A 168 -1.19 -12.79 4.05
C ASN A 168 -1.16 -13.96 3.04
N ARG A 169 -0.17 -13.90 2.15
CA ARG A 169 0.12 -14.97 1.18
C ARG A 169 1.59 -15.31 1.22
N SER A 170 1.89 -16.56 0.95
CA SER A 170 3.28 -17.01 0.91
C SER A 170 4.15 -16.22 -0.09
N TYR A 171 3.55 -15.85 -1.20
CA TYR A 171 4.23 -15.09 -2.24
C TYR A 171 4.41 -13.62 -1.92
N TYR A 172 3.92 -13.16 -0.75
CA TYR A 172 4.17 -11.83 -0.25
C TYR A 172 5.16 -11.75 0.91
N LEU A 173 5.66 -12.89 1.40
CA LEU A 173 6.54 -12.89 2.55
C LEU A 173 7.86 -12.15 2.29
N SER A 174 8.27 -12.11 1.04
CA SER A 174 9.54 -11.45 0.63
C SER A 174 9.56 -9.93 0.77
N ARG A 175 8.40 -9.34 1.05
CA ARG A 175 8.30 -7.88 1.13
C ARG A 175 7.23 -7.47 2.12
N SER A 176 7.18 -6.16 2.37
CA SER A 176 6.16 -5.55 3.18
C SER A 176 5.31 -4.62 2.27
N GLN A 177 4.91 -3.48 2.82
CA GLN A 177 4.17 -2.48 2.12
C GLN A 177 4.38 -1.17 2.88
N PRO A 178 3.78 -0.08 2.44
CA PRO A 178 3.96 1.16 3.17
C PRO A 178 3.65 0.99 4.64
N PRO A 179 4.59 1.37 5.53
CA PRO A 179 4.40 1.01 6.93
C PRO A 179 3.40 1.87 7.70
N PHE A 180 2.21 1.31 7.90
CA PHE A 180 1.18 1.95 8.67
C PHE A 180 0.86 1.30 10.02
N PHE A 181 1.58 0.24 10.41
CA PHE A 181 1.26 -0.42 11.66
C PHE A 181 1.29 0.53 12.86
N ALA A 182 2.32 1.38 12.95
CA ALA A 182 2.37 2.33 14.08
C ALA A 182 1.14 3.24 14.09
N LEU A 183 0.71 3.64 12.89
CA LEU A 183 -0.48 4.46 12.77
CA LEU A 183 -0.49 4.47 12.77
C LEU A 183 -1.76 3.69 13.14
N MET A 184 -1.77 2.39 12.87
CA MET A 184 -2.88 1.51 13.28
C MET A 184 -2.96 1.46 14.79
N VAL A 185 -1.79 1.36 15.43
CA VAL A 185 -1.75 1.35 16.89
C VAL A 185 -2.22 2.69 17.45
N GLU A 186 -1.74 3.81 16.88
CA GLU A 186 -2.26 5.13 17.25
CA GLU A 186 -2.25 5.14 17.25
C GLU A 186 -3.78 5.24 17.07
N LEU A 187 -4.31 4.68 15.99
CA LEU A 187 -5.76 4.69 15.76
C LEU A 187 -6.45 3.95 16.90
N LEU A 188 -5.96 2.77 17.23
CA LEU A 188 -6.56 1.96 18.30
C LEU A 188 -6.52 2.72 19.63
N ALA A 189 -5.42 3.43 19.87
CA ALA A 189 -5.26 4.25 21.08
C ALA A 189 -6.26 5.41 21.12
N GLN A 190 -6.81 5.82 19.98
CA GLN A 190 -7.89 6.84 20.00
C GLN A 190 -9.12 6.33 20.70
N HIS A 191 -9.27 5.00 20.78
CA HIS A 191 -10.38 4.38 21.50
C HIS A 191 -9.93 3.86 22.89
N GLU A 192 -8.77 3.23 22.94
CA GLU A 192 -8.29 2.50 24.12
C GLU A 192 -7.33 3.27 24.99
N GLY A 193 -6.95 4.47 24.55
CA GLY A 193 -5.93 5.26 25.20
C GLY A 193 -4.55 4.64 25.11
N ASP A 194 -3.64 5.12 25.95
CA ASP A 194 -2.22 4.77 25.81
C ASP A 194 -1.94 3.29 26.05
N ALA A 195 -2.87 2.57 26.71
CA ALA A 195 -2.77 1.13 26.86
C ALA A 195 -2.46 0.46 25.54
N ALA A 196 -3.08 0.93 24.45
CA ALA A 196 -2.84 0.31 23.14
C ALA A 196 -1.41 0.53 22.66
N LEU A 197 -0.88 1.74 22.85
CA LEU A 197 0.51 2.04 22.47
C LEU A 197 1.47 1.18 23.25
N LYS A 198 1.24 1.08 24.54
CA LYS A 198 2.11 0.27 25.41
C LYS A 198 2.02 -1.23 25.08
N GLN A 199 0.82 -1.71 24.80
CA GLN A 199 0.59 -3.12 24.47
C GLN A 199 1.40 -3.52 23.24
N TYR A 200 1.36 -2.68 22.21
CA TYR A 200 1.95 -3.07 20.94
C TYR A 200 3.33 -2.44 20.68
N LEU A 201 3.90 -1.77 21.68
CA LEU A 201 5.26 -1.31 21.59
C LEU A 201 6.25 -2.41 21.15
N PRO A 202 6.17 -3.61 21.73
CA PRO A 202 7.14 -4.64 21.25
C PRO A 202 7.07 -4.91 19.75
N GLN A 203 5.85 -4.98 19.20
CA GLN A 203 5.72 -5.23 17.77
C GLN A 203 6.07 -4.02 16.91
N MET A 204 5.80 -2.82 17.41
CA MET A 204 6.26 -1.61 16.66
C MET A 204 7.79 -1.58 16.61
N GLN A 205 8.44 -1.90 17.72
CA GLN A 205 9.89 -1.92 17.73
C GLN A 205 10.44 -3.01 16.80
N LYS A 206 9.77 -4.17 16.82
CA LYS A 206 10.20 -5.28 15.95
C LYS A 206 10.04 -4.92 14.48
N GLU A 207 8.97 -4.23 14.13
CA GLU A 207 8.81 -3.78 12.75
C GLU A 207 9.89 -2.76 12.40
N TYR A 208 10.24 -1.88 13.32
CA TYR A 208 11.27 -0.88 13.05
C TYR A 208 12.60 -1.61 12.78
N ALA A 209 12.87 -2.66 13.57
CA ALA A 209 14.08 -3.48 13.37
C ALA A 209 14.13 -4.05 11.96
N TYR A 210 12.97 -4.44 11.44
CA TYR A 210 12.92 -4.94 10.06
C TYR A 210 13.32 -3.84 9.08
N TRP A 211 12.70 -2.67 9.17
CA TRP A 211 12.98 -1.61 8.22
C TRP A 211 14.42 -1.21 8.28
N MET A 212 14.99 -1.20 9.49
CA MET A 212 16.36 -0.71 9.67
C MET A 212 17.42 -1.83 9.55
N ASP A 213 17.02 -3.06 9.23
CA ASP A 213 17.96 -4.17 9.24
C ASP A 213 19.02 -3.94 8.15
N GLY A 214 20.26 -3.86 8.58
CA GLY A 214 21.35 -3.53 7.65
C GLY A 214 22.07 -2.25 8.01
N VAL A 215 21.51 -1.44 8.91
CA VAL A 215 22.15 -0.19 9.29
CA VAL A 215 22.13 -0.19 9.34
C VAL A 215 23.47 -0.49 10.01
N GLU A 216 23.53 -1.60 10.75
CA GLU A 216 24.76 -1.98 11.42
C GLU A 216 25.80 -2.28 10.35
N ASN A 217 26.95 -1.63 10.47
CA ASN A 217 28.06 -1.83 9.53
C ASN A 217 27.83 -1.16 8.17
N LEU A 218 26.71 -0.46 7.97
CA LEU A 218 26.52 0.27 6.73
C LEU A 218 27.37 1.52 6.71
N GLN A 219 28.04 1.76 5.59
CA GLN A 219 28.86 2.94 5.43
C GLN A 219 28.18 3.94 4.53
N ALA A 220 28.63 5.18 4.61
CA ALA A 220 28.13 6.26 3.75
C ALA A 220 28.17 5.85 2.29
N GLY A 221 27.08 6.11 1.57
CA GLY A 221 26.98 5.83 0.16
C GLY A 221 26.60 4.41 -0.14
N GLN A 222 26.14 3.68 0.85
CA GLN A 222 25.79 2.28 0.67
C GLN A 222 24.30 2.06 0.93
N GLN A 223 23.79 0.96 0.38
CA GLN A 223 22.42 0.49 0.64
C GLN A 223 22.45 -0.98 1.05
N GLU A 224 21.57 -1.36 1.94
CA GLU A 224 21.42 -2.75 2.35
C GLU A 224 19.96 -2.98 2.67
N LYS A 225 19.34 -3.92 1.95
CA LYS A 225 17.94 -4.25 2.17
C LYS A 225 17.12 -2.96 2.06
N ARG A 226 16.36 -2.59 3.09
CA ARG A 226 15.50 -1.40 3.04
C ARG A 226 16.15 -0.14 3.57
N VAL A 227 17.47 -0.18 3.82
CA VAL A 227 18.20 0.95 4.41
CA VAL A 227 18.14 0.98 4.39
C VAL A 227 19.14 1.57 3.39
N VAL A 228 19.18 2.89 3.36
CA VAL A 228 20.15 3.61 2.54
C VAL A 228 20.88 4.60 3.45
N LYS A 229 22.19 4.65 3.30
CA LYS A 229 23.00 5.65 3.98
CA LYS A 229 22.99 5.67 3.98
C LYS A 229 23.63 6.53 2.92
N LEU A 230 23.26 7.81 2.90
CA LEU A 230 23.73 8.73 1.88
C LEU A 230 25.18 9.07 2.14
N GLN A 231 25.80 9.75 1.17
CA GLN A 231 27.22 10.03 1.27
C GLN A 231 27.60 10.87 2.48
N ASP A 232 26.68 11.73 2.96
CA ASP A 232 26.93 12.48 4.20
C ASP A 232 26.49 11.77 5.50
N GLY A 233 26.15 10.49 5.40
CA GLY A 233 25.76 9.69 6.55
C GLY A 233 24.27 9.64 6.85
N THR A 234 23.47 10.45 6.14
CA THR A 234 22.03 10.49 6.38
C THR A 234 21.42 9.12 6.13
N LEU A 235 20.60 8.68 7.09
CA LEU A 235 19.95 7.38 7.01
C LEU A 235 18.50 7.54 6.61
N LEU A 236 18.16 6.84 5.55
CA LEU A 236 16.79 6.81 5.02
C LEU A 236 16.45 5.38 4.64
N ASN A 237 15.19 5.16 4.29
CA ASN A 237 14.76 3.84 3.84
C ASN A 237 14.30 3.85 2.39
N ARG A 238 14.27 2.67 1.81
CA ARG A 238 13.73 2.47 0.49
C ARG A 238 12.86 1.22 0.52
N TYR A 239 12.09 1.03 -0.53
CA TYR A 239 11.37 -0.23 -0.69
C TYR A 239 12.28 -1.28 -1.28
N TRP A 240 12.11 -2.52 -0.82
N TRP A 240 12.09 -2.51 -0.80
CA TRP A 240 13.04 -3.60 -1.14
CA TRP A 240 12.95 -3.63 -1.13
C TRP A 240 12.43 -4.96 -0.84
C TRP A 240 12.08 -4.87 -1.08
N ASP A 241 12.33 -5.77 -1.87
N ASP A 241 12.44 -5.86 -1.87
CA ASP A 241 11.89 -7.16 -1.77
CA ASP A 241 11.88 -7.18 -1.74
C ASP A 241 13.12 -8.07 -1.66
C ASP A 241 13.06 -8.13 -1.73
N ASP A 242 13.02 -9.13 -0.87
CA ASP A 242 14.15 -10.05 -0.63
CA ASP A 242 14.23 -9.96 -0.68
C ASP A 242 14.46 -11.00 -1.78
N ARG A 243 13.55 -11.09 -2.76
CA ARG A 243 13.72 -11.95 -3.95
C ARG A 243 13.96 -11.15 -5.22
N ASP A 244 14.56 -11.85 -6.21
CA ASP A 244 14.90 -11.22 -7.49
C ASP A 244 14.45 -12.09 -8.66
N THR A 245 13.27 -12.66 -8.49
CA THR A 245 12.64 -13.56 -9.42
C THR A 245 11.25 -13.00 -9.79
N PRO A 246 10.63 -13.55 -10.84
CA PRO A 246 9.30 -13.06 -11.19
C PRO A 246 8.31 -13.20 -10.06
N ARG A 247 7.35 -12.29 -9.97
CA ARG A 247 6.33 -12.44 -8.93
C ARG A 247 5.46 -13.65 -9.27
N PRO A 248 5.27 -14.59 -8.34
CA PRO A 248 4.40 -15.73 -8.66
C PRO A 248 3.02 -15.29 -9.14
N GLU A 249 2.48 -14.24 -8.52
CA GLU A 249 1.14 -13.78 -8.82
C GLU A 249 1.03 -12.98 -10.12
N SER A 250 2.17 -12.62 -10.70
CA SER A 250 2.25 -11.90 -11.98
CA SER A 250 2.21 -11.94 -12.00
C SER A 250 3.40 -12.47 -12.82
N TRP A 251 3.49 -13.79 -12.85
CA TRP A 251 4.59 -14.52 -13.41
C TRP A 251 4.89 -14.17 -14.85
N VAL A 252 3.93 -14.40 -15.73
CA VAL A 252 4.17 -14.13 -17.13
C VAL A 252 4.39 -12.66 -17.43
N GLU A 253 3.72 -11.78 -16.71
CA GLU A 253 3.97 -10.35 -16.88
C GLU A 253 5.41 -9.98 -16.63
N ASP A 254 5.94 -10.46 -15.52
CA ASP A 254 7.28 -10.10 -15.12
C ASP A 254 8.33 -10.68 -16.06
N ILE A 255 8.13 -11.94 -16.45
CA ILE A 255 9.03 -12.54 -17.44
C ILE A 255 9.05 -11.71 -18.72
N ALA A 256 7.88 -11.29 -19.16
CA ALA A 256 7.76 -10.48 -20.38
C ALA A 256 8.41 -9.12 -20.22
N THR A 257 8.21 -8.50 -19.06
CA THR A 257 8.85 -7.21 -18.80
C THR A 257 10.37 -7.30 -18.86
N ALA A 258 10.94 -8.32 -18.22
CA ALA A 258 12.40 -8.46 -18.22
C ALA A 258 12.88 -8.79 -19.62
N LYS A 259 12.17 -9.68 -20.31
CA LYS A 259 12.58 -10.10 -21.65
C LYS A 259 12.68 -8.90 -22.58
N SER A 260 11.79 -7.93 -22.37
CA SER A 260 11.69 -6.77 -23.25
C SER A 260 12.83 -5.78 -23.12
N ASN A 261 13.69 -5.97 -22.10
CA ASN A 261 14.82 -5.10 -21.87
C ASN A 261 16.08 -5.91 -21.57
N PRO A 262 16.73 -6.42 -22.62
CA PRO A 262 17.99 -7.13 -22.49
C PRO A 262 19.18 -6.28 -22.04
N ASN A 263 19.05 -4.95 -22.01
CA ASN A 263 20.15 -4.10 -21.53
C ASN A 263 20.20 -3.96 -20.02
N ARG A 264 19.35 -4.71 -19.32
CA ARG A 264 19.39 -4.78 -17.88
C ARG A 264 19.35 -6.22 -17.48
N PRO A 265 20.05 -6.56 -16.41
CA PRO A 265 19.92 -7.91 -15.89
C PRO A 265 18.46 -8.18 -15.45
N ALA A 266 17.93 -9.34 -15.82
CA ALA A 266 16.57 -9.69 -15.46
C ALA A 266 16.32 -9.64 -13.97
N THR A 267 17.27 -10.12 -13.19
CA THR A 267 17.15 -10.09 -11.73
C THR A 267 16.97 -8.68 -11.18
N GLU A 268 17.62 -7.70 -11.80
CA GLU A 268 17.46 -6.31 -11.35
CA GLU A 268 17.47 -6.30 -11.38
C GLU A 268 16.06 -5.80 -11.68
N ILE A 269 15.55 -6.14 -12.86
CA ILE A 269 14.19 -5.76 -13.19
C ILE A 269 13.20 -6.44 -12.23
N TYR A 270 13.39 -7.73 -11.97
CA TYR A 270 12.49 -8.43 -11.06
C TYR A 270 12.52 -7.80 -9.65
N ARG A 271 13.73 -7.52 -9.16
CA ARG A 271 13.87 -6.84 -7.85
C ARG A 271 13.08 -5.54 -7.85
N ASP A 272 13.19 -4.79 -8.94
CA ASP A 272 12.55 -3.47 -8.97
C ASP A 272 11.02 -3.58 -9.14
N LEU A 273 10.55 -4.58 -9.87
CA LEU A 273 9.11 -4.85 -9.99
C LEU A 273 8.54 -5.24 -8.64
N ARG A 274 9.21 -6.18 -7.99
CA ARG A 274 8.78 -6.57 -6.65
C ARG A 274 8.80 -5.41 -5.64
N SER A 275 9.80 -4.55 -5.74
CA SER A 275 9.97 -3.48 -4.79
CA SER A 275 9.96 -3.46 -4.79
C SER A 275 8.93 -2.37 -5.04
N ALA A 276 8.54 -2.19 -6.31
CA ALA A 276 7.40 -1.32 -6.60
C ALA A 276 6.10 -1.92 -6.00
N ALA A 277 5.93 -3.25 -6.01
CA ALA A 277 4.79 -3.83 -5.31
C ALA A 277 4.88 -3.50 -3.82
N ALA A 278 6.08 -3.58 -3.25
CA ALA A 278 6.28 -3.26 -1.84
C ALA A 278 5.92 -1.80 -1.56
N SER A 279 6.08 -0.93 -2.56
CA SER A 279 5.81 0.49 -2.37
C SER A 279 4.31 0.79 -2.34
N GLY A 280 3.50 -0.19 -2.75
CA GLY A 280 2.07 0.01 -2.88
C GLY A 280 1.69 0.58 -4.25
N TRP A 281 2.66 1.19 -4.92
CA TRP A 281 2.45 1.86 -6.18
C TRP A 281 2.94 0.97 -7.33
N ASP A 282 2.39 -0.22 -7.44
CA ASP A 282 2.64 -1.06 -8.61
C ASP A 282 1.55 -0.76 -9.62
N PHE A 283 1.81 -0.02 -10.71
CA PHE A 283 3.10 0.57 -11.08
C PHE A 283 2.88 2.03 -11.41
N SER A 284 3.97 2.75 -11.64
CA SER A 284 3.90 4.19 -11.80
C SER A 284 5.09 4.74 -12.51
N SER A 285 4.84 5.81 -13.29
CA SER A 285 5.92 6.61 -13.89
C SER A 285 6.88 7.12 -12.84
N ARG A 286 6.39 7.20 -11.60
CA ARG A 286 7.22 7.64 -10.47
C ARG A 286 8.53 6.89 -10.36
N TRP A 287 8.52 5.62 -10.73
CA TRP A 287 9.72 4.78 -10.61
C TRP A 287 10.51 4.61 -11.90
N MET A 288 10.01 5.19 -13.00
CA MET A 288 10.43 4.83 -14.36
CA MET A 288 10.51 4.83 -14.32
C MET A 288 11.24 5.94 -15.02
N ASP A 289 12.33 5.57 -15.69
CA ASP A 289 13.11 6.51 -16.48
CA ASP A 289 13.10 6.53 -16.49
C ASP A 289 12.27 6.96 -17.68
N ASN A 290 11.58 5.99 -18.27
CA ASN A 290 10.74 6.19 -19.42
C ASN A 290 9.31 5.83 -18.99
N PRO A 291 8.42 6.84 -18.92
CA PRO A 291 7.06 6.58 -18.43
C PRO A 291 6.27 5.62 -19.31
N GLN A 292 6.71 5.43 -20.56
CA GLN A 292 6.01 4.55 -21.44
C GLN A 292 6.57 3.13 -21.45
N GLN A 293 7.59 2.86 -20.63
CA GLN A 293 8.21 1.55 -20.58
C GLN A 293 8.47 1.08 -19.14
N LEU A 294 7.58 0.25 -18.64
CA LEU A 294 7.72 -0.35 -17.32
C LEU A 294 9.08 -1.00 -17.12
N ASN A 295 9.65 -1.51 -18.20
CA ASN A 295 10.96 -2.18 -18.10
C ASN A 295 12.12 -1.25 -17.76
N THR A 296 11.84 0.05 -17.62
CA THR A 296 12.84 1.00 -17.15
C THR A 296 12.65 1.36 -15.66
N LEU A 297 11.77 0.66 -14.95
CA LEU A 297 11.52 1.07 -13.56
C LEU A 297 12.74 0.71 -12.69
N ARG A 298 13.02 1.56 -11.70
CA ARG A 298 14.22 1.40 -10.89
C ARG A 298 13.97 1.74 -9.44
N THR A 299 12.93 1.12 -8.92
CA THR A 299 12.43 1.37 -7.58
C THR A 299 13.49 1.36 -6.48
N THR A 300 14.41 0.39 -6.52
CA THR A 300 15.39 0.23 -5.45
C THR A 300 16.50 1.28 -5.51
N SER A 301 16.52 2.11 -6.56
CA SER A 301 17.48 3.22 -6.64
C SER A 301 16.84 4.54 -6.28
N ILE A 302 15.60 4.50 -5.80
CA ILE A 302 14.84 5.70 -5.49
C ILE A 302 14.43 5.73 -3.99
N VAL A 303 14.78 6.82 -3.33
CA VAL A 303 14.48 6.98 -1.91
C VAL A 303 13.12 7.65 -1.81
N PRO A 304 12.07 6.92 -1.37
CA PRO A 304 10.74 7.48 -1.47
C PRO A 304 10.37 8.47 -0.38
N VAL A 305 9.69 9.52 -0.77
CA VAL A 305 9.32 10.56 0.18
C VAL A 305 8.19 10.11 1.10
N ASP A 306 7.27 9.28 0.57
CA ASP A 306 6.20 8.74 1.39
C ASP A 306 6.73 7.77 2.43
N LEU A 307 7.55 6.82 1.99
CA LEU A 307 8.10 5.85 2.94
CA LEU A 307 8.12 5.84 2.92
C LEU A 307 8.83 6.56 4.06
N ASN A 308 9.67 7.53 3.72
CA ASN A 308 10.44 8.17 4.77
C ASN A 308 9.62 9.06 5.66
N SER A 309 8.52 9.60 5.15
CA SER A 309 7.56 10.29 6.01
C SER A 309 6.91 9.30 7.01
N LEU A 310 6.55 8.12 6.52
CA LEU A 310 5.97 7.09 7.37
C LEU A 310 6.99 6.59 8.42
N MET A 311 8.27 6.48 8.03
CA MET A 311 9.31 6.12 9.00
C MET A 311 9.46 7.20 10.10
N PHE A 312 9.39 8.47 9.72
CA PHE A 312 9.41 9.56 10.68
C PHE A 312 8.26 9.38 11.64
N LYS A 313 7.06 9.14 11.12
CA LYS A 313 5.90 8.94 12.01
C LYS A 313 6.10 7.72 12.90
N MET A 314 6.67 6.67 12.34
CA MET A 314 6.91 5.46 13.14
C MET A 314 7.84 5.82 14.33
N GLU A 315 8.90 6.54 14.05
CA GLU A 315 9.86 6.94 15.08
C GLU A 315 9.16 7.82 16.11
N LYS A 316 8.30 8.72 15.67
CA LYS A 316 7.59 9.59 16.60
C LYS A 316 6.65 8.79 17.47
N ILE A 317 5.98 7.80 16.87
CA ILE A 317 5.03 6.99 17.63
C ILE A 317 5.78 6.08 18.61
N LEU A 318 6.91 5.53 18.16
CA LEU A 318 7.73 4.76 19.08
C LEU A 318 8.16 5.61 20.29
N ALA A 319 8.53 6.88 20.05
CA ALA A 319 8.90 7.79 21.16
C ALA A 319 7.70 7.92 22.09
N ARG A 320 6.53 8.19 21.51
CA ARG A 320 5.31 8.42 22.31
C ARG A 320 4.97 7.19 23.15
N ALA A 321 5.08 6.01 22.54
CA ALA A 321 4.73 4.75 23.23
C ALA A 321 5.75 4.49 24.34
N SER A 322 7.02 4.71 24.04
CA SER A 322 8.09 4.47 25.00
CA SER A 322 8.05 4.43 25.02
C SER A 322 7.89 5.37 26.21
N LYS A 323 7.59 6.63 25.95
CA LYS A 323 7.35 7.58 27.03
CA LYS A 323 7.36 7.56 27.04
C LYS A 323 6.16 7.11 27.85
N ALA A 324 5.09 6.72 27.18
CA ALA A 324 3.89 6.25 27.91
C ALA A 324 4.21 5.04 28.78
N ALA A 325 5.06 4.16 28.26
CA ALA A 325 5.44 2.93 28.97
C ALA A 325 6.37 3.19 30.16
N GLY A 326 7.01 4.35 30.19
CA GLY A 326 7.95 4.70 31.27
C GLY A 326 9.42 4.45 30.93
N ASP A 327 9.72 4.18 29.66
CA ASP A 327 11.09 4.00 29.18
C ASP A 327 11.64 5.27 28.54
N ASN A 328 12.16 6.15 29.40
CA ASN A 328 12.61 7.46 28.94
C ASN A 328 13.86 7.43 28.06
N ALA A 329 14.77 6.49 28.31
CA ALA A 329 15.96 6.41 27.46
C ALA A 329 15.55 6.02 26.03
N MET A 330 14.60 5.09 25.92
CA MET A 330 14.16 4.70 24.59
CA MET A 330 14.09 4.66 24.63
CA MET A 330 13.98 4.62 24.65
C MET A 330 13.35 5.84 23.96
N ALA A 331 12.52 6.54 24.73
CA ALA A 331 11.74 7.68 24.17
C ALA A 331 12.66 8.77 23.57
N ASN A 332 13.70 9.12 24.31
CA ASN A 332 14.67 10.09 23.87
C ASN A 332 15.39 9.63 22.62
N GLN A 333 15.78 8.37 22.60
CA GLN A 333 16.47 7.82 21.46
CA GLN A 333 16.45 7.76 21.48
C GLN A 333 15.58 7.91 20.23
N TYR A 334 14.31 7.55 20.37
CA TYR A 334 13.44 7.63 19.20
C TYR A 334 13.20 9.07 18.73
N GLU A 335 13.08 10.03 19.65
CA GLU A 335 12.92 11.42 19.24
C GLU A 335 14.16 11.87 18.48
N THR A 336 15.33 11.43 18.95
CA THR A 336 16.58 11.80 18.30
C THR A 336 16.59 11.23 16.88
N LEU A 337 16.15 9.99 16.73
CA LEU A 337 16.04 9.35 15.43
C LEU A 337 15.07 10.09 14.50
N ALA A 338 13.91 10.44 15.06
CA ALA A 338 12.93 11.21 14.29
C ALA A 338 13.48 12.56 13.83
N ASN A 339 14.17 13.25 14.73
CA ASN A 339 14.74 14.54 14.37
C ASN A 339 15.73 14.40 13.21
N ALA A 340 16.56 13.34 13.23
CA ALA A 340 17.50 13.07 12.13
C ALA A 340 16.78 12.81 10.82
N ARG A 341 15.70 12.03 10.92
CA ARG A 341 14.88 11.66 9.78
C ARG A 341 14.28 12.92 9.17
N GLN A 342 13.74 13.78 10.02
CA GLN A 342 13.12 15.00 9.54
C GLN A 342 14.13 15.86 8.79
N LYS A 343 15.34 15.96 9.34
CA LYS A 343 16.40 16.73 8.66
CA LYS A 343 16.43 16.72 8.68
C LYS A 343 16.71 16.11 7.30
N GLY A 344 16.74 14.77 7.23
CA GLY A 344 16.94 14.07 5.96
C GLY A 344 15.85 14.32 4.93
N ILE A 345 14.61 14.24 5.40
CA ILE A 345 13.48 14.57 4.53
C ILE A 345 13.60 16.00 3.97
N GLU A 346 13.89 16.96 4.85
CA GLU A 346 13.95 18.36 4.38
C GLU A 346 15.12 18.60 3.45
N LYS A 347 16.22 17.87 3.59
CA LYS A 347 17.40 18.08 2.77
C LYS A 347 17.33 17.35 1.44
N TYR A 348 16.91 16.08 1.49
CA TYR A 348 17.03 15.19 0.35
C TYR A 348 15.73 14.89 -0.34
N LEU A 349 14.61 15.25 0.28
CA LEU A 349 13.30 14.90 -0.29
C LEU A 349 12.44 16.11 -0.59
N TRP A 350 13.08 17.26 -0.68
CA TRP A 350 12.46 18.52 -1.07
C TRP A 350 13.16 19.01 -2.34
N ASN A 351 12.37 19.25 -3.39
CA ASN A 351 12.87 19.81 -4.64
C ASN A 351 12.70 21.32 -4.58
N ASP A 352 13.79 22.05 -4.37
CA ASP A 352 13.67 23.50 -4.18
C ASP A 352 13.50 24.24 -5.51
N GLN A 353 13.98 23.68 -6.61
CA GLN A 353 13.77 24.27 -7.95
C GLN A 353 12.31 24.29 -8.31
N GLN A 354 11.61 23.18 -8.08
CA GLN A 354 10.19 23.09 -8.43
C GLN A 354 9.25 23.51 -7.32
N GLY A 355 9.71 23.42 -6.08
CA GLY A 355 8.87 23.84 -4.98
C GLY A 355 7.93 22.74 -4.50
N TRP A 356 8.41 21.50 -4.46
CA TRP A 356 7.61 20.44 -3.87
C TRP A 356 8.48 19.33 -3.33
N TYR A 357 7.91 18.55 -2.40
CA TYR A 357 8.54 17.34 -1.96
C TYR A 357 8.60 16.32 -3.10
N ALA A 358 9.59 15.46 -3.05
CA ALA A 358 9.87 14.51 -4.13
C ALA A 358 10.82 13.42 -3.65
N ASP A 359 10.93 12.36 -4.46
CA ASP A 359 11.83 11.25 -4.14
C ASP A 359 13.27 11.65 -4.45
N TYR A 360 14.22 10.96 -3.87
CA TYR A 360 15.64 11.20 -4.13
C TYR A 360 16.21 10.08 -4.95
N ASP A 361 17.08 10.46 -5.87
CA ASP A 361 17.62 9.54 -6.88
C ASP A 361 19.04 9.13 -6.51
N LEU A 362 19.23 7.86 -6.18
CA LEU A 362 20.53 7.36 -5.76
C LEU A 362 21.45 7.17 -6.96
N LYS A 363 20.94 7.21 -8.19
CA LYS A 363 21.79 7.06 -9.37
CA LYS A 363 21.77 7.08 -9.39
C LYS A 363 22.43 8.41 -9.74
N SER A 364 21.62 9.47 -9.83
CA SER A 364 22.06 10.79 -10.17
C SER A 364 22.50 11.59 -8.96
N HIS A 365 22.19 11.10 -7.75
CA HIS A 365 22.45 11.84 -6.52
C HIS A 365 21.80 13.23 -6.54
N LYS A 366 20.52 13.27 -6.93
CA LYS A 366 19.74 14.50 -7.03
C LYS A 366 18.31 14.18 -6.59
N VAL A 367 17.64 15.18 -6.05
CA VAL A 367 16.20 15.10 -5.82
CA VAL A 367 16.22 15.07 -5.82
C VAL A 367 15.51 15.00 -7.17
N ARG A 368 14.56 14.09 -7.30
CA ARG A 368 13.83 13.92 -8.54
C ARG A 368 12.89 15.09 -8.82
N ASN A 369 12.55 15.26 -10.08
CA ASN A 369 11.78 16.42 -10.46
CA ASN A 369 11.77 16.38 -10.57
C ASN A 369 10.26 16.17 -10.37
N GLN A 370 9.85 14.94 -10.54
CA GLN A 370 8.41 14.67 -10.70
C GLN A 370 7.60 14.95 -9.45
N LEU A 371 6.48 15.64 -9.61
CA LEU A 371 5.48 15.83 -8.57
C LEU A 371 4.52 14.66 -8.60
N THR A 372 4.36 14.00 -7.47
CA THR A 372 3.32 13.00 -7.32
C THR A 372 2.61 13.23 -6.01
N ALA A 373 1.49 12.53 -5.81
CA ALA A 373 0.73 12.66 -4.59
C ALA A 373 1.52 12.23 -3.36
N ALA A 374 2.61 11.48 -3.55
CA ALA A 374 3.46 11.13 -2.40
C ALA A 374 4.02 12.37 -1.70
N ALA A 375 4.12 13.46 -2.45
CA ALA A 375 4.63 14.73 -1.95
C ALA A 375 3.83 15.32 -0.79
N LEU A 376 2.62 14.83 -0.55
CA LEU A 376 1.83 15.32 0.60
C LEU A 376 2.18 14.60 1.89
N PHE A 377 2.90 13.48 1.79
CA PHE A 377 3.18 12.70 2.99
C PHE A 377 3.93 13.49 4.09
N PRO A 378 4.92 14.34 3.73
CA PRO A 378 5.57 15.12 4.82
C PRO A 378 4.62 16.01 5.62
N LEU A 379 3.53 16.43 4.98
CA LEU A 379 2.51 17.23 5.69
C LEU A 379 1.70 16.30 6.55
N TYR A 380 1.31 15.15 5.98
CA TYR A 380 0.48 14.17 6.67
C TYR A 380 1.11 13.77 8.02
N VAL A 381 2.44 13.66 8.06
CA VAL A 381 3.14 13.21 9.28
C VAL A 381 3.72 14.37 10.11
N ASN A 382 3.43 15.61 9.74
CA ASN A 382 3.94 16.80 10.47
C ASN A 382 5.46 16.90 10.47
N ALA A 383 6.10 16.42 9.41
CA ALA A 383 7.53 16.64 9.20
C ALA A 383 7.84 17.96 8.51
N ALA A 384 6.91 18.42 7.67
CA ALA A 384 7.15 19.57 6.80
C ALA A 384 7.25 20.87 7.55
N ALA A 385 8.22 21.70 7.14
CA ALA A 385 8.20 23.11 7.53
C ALA A 385 6.92 23.79 7.04
N LYS A 386 6.45 24.79 7.77
CA LYS A 386 5.21 25.47 7.38
CA LYS A 386 5.23 25.51 7.40
C LYS A 386 5.29 26.12 6.00
N ASP A 387 6.43 26.73 5.66
CA ASP A 387 6.54 27.34 4.33
C ASP A 387 6.38 26.30 3.21
N ARG A 388 6.94 25.11 3.45
CA ARG A 388 6.91 24.05 2.49
C ARG A 388 5.54 23.43 2.40
N ALA A 389 4.82 23.40 3.52
CA ALA A 389 3.45 22.97 3.51
C ALA A 389 2.58 23.90 2.66
N ASN A 390 2.76 25.20 2.83
CA ASN A 390 2.03 26.17 2.02
CA ASN A 390 2.05 26.20 2.02
C ASN A 390 2.36 26.05 0.55
N LYS A 391 3.64 25.86 0.22
CA LYS A 391 4.03 25.57 -1.16
C LYS A 391 3.34 24.31 -1.69
N MET A 392 3.21 23.28 -0.84
CA MET A 392 2.52 22.04 -1.25
C MET A 392 1.02 22.26 -1.51
N ALA A 393 0.37 23.13 -0.74
CA ALA A 393 -1.02 23.49 -1.01
C ALA A 393 -1.11 24.09 -2.41
N THR A 394 -0.17 24.98 -2.74
CA THR A 394 -0.18 25.60 -4.06
C THR A 394 0.06 24.56 -5.16
N ALA A 395 1.05 23.69 -4.97
CA ALA A 395 1.36 22.64 -5.96
C ALA A 395 0.17 21.74 -6.18
N THR A 396 -0.50 21.40 -5.09
CA THR A 396 -1.69 20.58 -5.14
C THR A 396 -2.77 21.25 -5.99
N LYS A 397 -3.10 22.50 -5.67
CA LYS A 397 -4.15 23.21 -6.40
C LYS A 397 -3.77 23.35 -7.86
N THR A 398 -2.51 23.68 -8.12
CA THR A 398 -2.05 23.96 -9.49
CA THR A 398 -2.10 23.98 -9.50
C THR A 398 -2.01 22.72 -10.37
N HIS A 399 -1.52 21.62 -9.81
CA HIS A 399 -1.20 20.46 -10.62
C HIS A 399 -1.95 19.19 -10.33
N LEU A 400 -2.41 18.98 -9.11
CA LEU A 400 -2.92 17.64 -8.77
C LEU A 400 -4.43 17.59 -8.54
N LEU A 401 -5.03 18.66 -8.04
CA LEU A 401 -6.46 18.67 -7.80
C LEU A 401 -7.23 18.73 -9.12
N GLN A 402 -8.07 17.74 -9.33
CA GLN A 402 -8.86 17.65 -10.54
C GLN A 402 -10.34 17.60 -10.13
N PRO A 403 -11.24 17.71 -11.11
CA PRO A 403 -12.66 17.77 -10.77
C PRO A 403 -13.20 16.59 -9.95
N GLY A 404 -12.60 15.42 -10.11
CA GLY A 404 -13.04 14.23 -9.41
C GLY A 404 -12.10 13.76 -8.31
N GLY A 405 -11.14 14.59 -7.89
CA GLY A 405 -10.25 14.23 -6.79
C GLY A 405 -8.82 14.56 -7.08
N LEU A 406 -7.95 14.11 -6.18
CA LEU A 406 -6.53 14.34 -6.29
C LEU A 406 -5.92 13.35 -7.27
N ASN A 407 -5.27 13.85 -8.31
CA ASN A 407 -4.51 13.01 -9.25
C ASN A 407 -3.30 12.40 -8.58
N THR A 408 -2.95 11.19 -9.00
CA THR A 408 -1.80 10.50 -8.40
C THR A 408 -0.48 11.08 -8.92
N THR A 409 -0.47 11.37 -10.22
CA THR A 409 0.62 12.06 -10.88
C THR A 409 -0.02 12.87 -11.99
N SER A 410 0.78 13.58 -12.76
CA SER A 410 0.33 14.35 -13.92
CA SER A 410 0.23 14.30 -13.92
C SER A 410 0.63 13.63 -15.22
N VAL A 411 1.14 12.39 -15.13
CA VAL A 411 1.62 11.64 -16.28
C VAL A 411 0.70 10.47 -16.57
N LYS A 412 0.17 10.43 -17.77
CA LYS A 412 -0.70 9.34 -18.22
CA LYS A 412 -0.70 9.33 -18.24
C LYS A 412 0.18 8.28 -18.89
N SER A 413 0.61 7.31 -18.11
CA SER A 413 1.54 6.31 -18.55
C SER A 413 0.92 5.00 -19.01
N GLY A 414 -0.36 4.78 -18.70
CA GLY A 414 -0.96 3.47 -18.87
C GLY A 414 -0.85 2.58 -17.64
N GLN A 415 -0.09 3.02 -16.64
CA GLN A 415 -0.05 2.32 -15.36
C GLN A 415 -1.14 2.89 -14.44
N GLN A 416 -1.47 2.17 -13.37
CA GLN A 416 -2.60 2.57 -12.54
C GLN A 416 -2.26 3.63 -11.50
N TRP A 417 -1.01 3.70 -11.04
CA TRP A 417 -0.63 4.76 -10.12
C TRP A 417 -0.08 5.97 -10.87
N ASP A 418 -0.99 6.62 -11.56
CA ASP A 418 -0.66 7.68 -12.50
C ASP A 418 -1.96 8.34 -12.91
N ALA A 419 -1.84 9.51 -13.54
CA ALA A 419 -2.97 10.16 -14.15
C ALA A 419 -3.66 9.19 -15.09
N PRO A 420 -5.00 9.25 -15.19
CA PRO A 420 -5.92 10.15 -14.51
C PRO A 420 -6.51 9.53 -13.28
N ASN A 421 -5.80 8.59 -12.64
CA ASN A 421 -6.38 7.87 -11.48
C ASN A 421 -6.19 8.54 -10.15
N GLY A 422 -7.26 8.51 -9.36
CA GLY A 422 -7.23 8.94 -7.98
C GLY A 422 -7.48 7.74 -7.11
N TRP A 423 -6.66 7.61 -6.06
CA TRP A 423 -6.76 6.52 -5.13
C TRP A 423 -7.14 7.05 -3.76
N ALA A 424 -8.16 6.43 -3.17
CA ALA A 424 -8.63 6.82 -1.83
C ALA A 424 -7.55 7.13 -0.80
N PRO A 425 -6.55 6.24 -0.61
CA PRO A 425 -5.57 6.53 0.44
C PRO A 425 -4.85 7.84 0.22
N LEU A 426 -4.53 8.15 -1.04
CA LEU A 426 -3.83 9.40 -1.34
C LEU A 426 -4.76 10.61 -1.11
N GLN A 427 -6.06 10.42 -1.33
CA GLN A 427 -7.00 11.52 -1.05
C GLN A 427 -6.94 11.84 0.43
N TRP A 428 -6.98 10.80 1.26
CA TRP A 428 -7.02 11.01 2.69
C TRP A 428 -5.71 11.59 3.25
N VAL A 429 -4.60 11.01 2.82
CA VAL A 429 -3.30 11.53 3.21
CA VAL A 429 -3.32 11.53 3.25
C VAL A 429 -3.17 13.01 2.88
N ALA A 430 -3.58 13.38 1.67
CA ALA A 430 -3.53 14.79 1.24
C ALA A 430 -4.43 15.68 2.09
N THR A 431 -5.67 15.26 2.30
CA THR A 431 -6.65 16.03 3.06
CA THR A 431 -6.58 16.13 3.02
C THR A 431 -6.13 16.27 4.47
N GLU A 432 -5.73 15.18 5.09
CA GLU A 432 -5.27 15.26 6.48
C GLU A 432 -3.97 16.05 6.60
N GLY A 433 -3.05 15.84 5.68
CA GLY A 433 -1.84 16.63 5.66
C GLY A 433 -2.09 18.10 5.50
N LEU A 434 -3.01 18.45 4.59
CA LEU A 434 -3.34 19.86 4.40
C LEU A 434 -3.99 20.44 5.64
N GLN A 435 -4.88 19.70 6.27
CA GLN A 435 -5.54 20.10 7.54
CA GLN A 435 -5.52 20.21 7.48
C GLN A 435 -4.51 20.36 8.62
N ASN A 436 -3.45 19.55 8.62
CA ASN A 436 -2.42 19.66 9.66
C ASN A 436 -1.71 21.04 9.61
N TYR A 437 -1.82 21.72 8.48
CA TYR A 437 -1.17 23.01 8.29
C TYR A 437 -2.21 24.09 7.97
N GLY A 438 -3.47 23.82 8.30
CA GLY A 438 -4.53 24.83 8.20
C GLY A 438 -4.98 25.15 6.80
N GLN A 439 -4.63 24.31 5.84
CA GLN A 439 -5.02 24.53 4.45
C GLN A 439 -6.37 23.87 4.20
N LYS A 440 -7.39 24.45 4.84
CA LYS A 440 -8.70 23.81 4.92
C LYS A 440 -9.45 23.87 3.60
N GLU A 441 -9.28 24.93 2.83
CA GLU A 441 -9.99 25.06 1.56
C GLU A 441 -9.54 24.00 0.58
N VAL A 442 -8.23 23.82 0.42
CA VAL A 442 -7.76 22.81 -0.52
C VAL A 442 -8.14 21.40 -0.01
N ALA A 443 -8.05 21.19 1.30
CA ALA A 443 -8.41 19.91 1.87
C ALA A 443 -9.87 19.56 1.59
N MET A 444 -10.74 20.56 1.77
CA MET A 444 -12.17 20.31 1.55
CA MET A 444 -12.18 20.43 1.54
C MET A 444 -12.47 20.11 0.08
N ASP A 445 -11.77 20.80 -0.80
CA ASP A 445 -11.99 20.57 -2.22
C ASP A 445 -11.58 19.16 -2.63
N ILE A 446 -10.46 18.68 -2.11
CA ILE A 446 -10.09 17.28 -2.41
C ILE A 446 -11.20 16.34 -1.93
N SER A 447 -11.65 16.54 -0.70
CA SER A 447 -12.67 15.66 -0.14
C SER A 447 -13.98 15.72 -0.92
N TRP A 448 -14.46 16.93 -1.16
CA TRP A 448 -15.69 17.08 -1.92
C TRP A 448 -15.60 16.54 -3.34
N HIS A 449 -14.50 16.84 -4.02
CA HIS A 449 -14.35 16.35 -5.39
C HIS A 449 -14.30 14.82 -5.42
N PHE A 450 -13.48 14.22 -4.55
CA PHE A 450 -13.39 12.77 -4.53
C PHE A 450 -14.72 12.13 -4.12
N LEU A 451 -15.33 12.66 -3.06
CA LEU A 451 -16.62 12.10 -2.59
C LEU A 451 -17.68 12.19 -3.71
N THR A 452 -17.68 13.30 -4.43
CA THR A 452 -18.63 13.45 -5.55
C THR A 452 -18.39 12.35 -6.57
N ASN A 453 -17.13 12.04 -6.80
CA ASN A 453 -16.76 10.95 -7.73
C ASN A 453 -17.26 9.60 -7.24
N VAL A 454 -17.01 9.35 -5.96
CA VAL A 454 -17.45 8.10 -5.36
C VAL A 454 -18.99 8.00 -5.44
N GLN A 455 -19.67 9.07 -5.04
CA GLN A 455 -21.13 9.04 -5.11
C GLN A 455 -21.67 8.85 -6.52
N HIS A 456 -21.13 9.60 -7.46
CA HIS A 456 -21.60 9.57 -8.83
C HIS A 456 -21.42 8.15 -9.41
N THR A 457 -20.26 7.56 -9.16
CA THR A 457 -19.97 6.19 -9.60
C THR A 457 -20.93 5.20 -8.93
N TYR A 458 -21.17 5.40 -7.65
CA TYR A 458 -22.14 4.56 -6.92
C TYR A 458 -23.55 4.71 -7.49
N ASP A 459 -23.95 5.96 -7.76
CA ASP A 459 -25.28 6.18 -8.37
C ASP A 459 -25.43 5.45 -9.70
N ARG A 460 -24.34 5.41 -10.47
CA ARG A 460 -24.41 4.77 -11.80
CA ARG A 460 -24.34 4.77 -11.80
C ARG A 460 -24.22 3.26 -11.76
N GLU A 461 -23.23 2.80 -11.00
CA GLU A 461 -22.78 1.42 -11.02
C GLU A 461 -23.16 0.61 -9.79
N LYS A 462 -23.65 1.27 -8.74
CA LYS A 462 -24.13 0.57 -7.54
C LYS A 462 -23.01 -0.19 -6.84
N LYS A 463 -21.83 0.41 -6.86
CA LYS A 463 -20.67 -0.15 -6.19
C LYS A 463 -19.60 0.92 -5.96
N LEU A 464 -18.65 0.56 -5.12
CA LEU A 464 -17.44 1.35 -4.92
CA LEU A 464 -17.44 1.35 -4.94
C LEU A 464 -16.30 0.51 -5.51
N VAL A 465 -15.28 1.21 -6.01
CA VAL A 465 -14.23 0.59 -6.76
C VAL A 465 -12.85 1.01 -6.24
N GLU A 466 -11.84 0.36 -6.80
CA GLU A 466 -10.44 0.46 -6.34
C GLU A 466 -9.77 1.83 -6.53
N LYS A 467 -10.04 2.44 -7.67
CA LYS A 467 -9.54 3.76 -8.03
C LYS A 467 -10.48 4.39 -9.01
N TYR A 468 -10.37 5.72 -9.12
CA TYR A 468 -11.32 6.55 -9.85
C TYR A 468 -10.61 7.41 -10.88
N ASP A 469 -11.29 7.69 -12.01
CA ASP A 469 -10.78 8.66 -12.98
C ASP A 469 -11.17 10.02 -12.44
N VAL A 470 -10.18 10.81 -12.07
CA VAL A 470 -10.45 12.15 -11.48
C VAL A 470 -10.59 13.27 -12.50
N SER A 471 -10.46 12.98 -13.79
CA SER A 471 -10.63 14.00 -14.81
C SER A 471 -12.10 14.48 -14.86
N THR A 472 -13.00 13.59 -14.49
CA THR A 472 -14.43 13.85 -14.41
C THR A 472 -14.93 13.17 -13.12
N THR A 473 -16.22 12.94 -13.01
CA THR A 473 -16.75 12.12 -11.95
C THR A 473 -17.58 11.01 -12.53
N GLY A 474 -17.75 9.94 -11.75
CA GLY A 474 -18.63 8.85 -12.11
C GLY A 474 -18.06 7.67 -12.84
N THR A 475 -16.73 7.63 -13.03
CA THR A 475 -16.13 6.47 -13.65
CA THR A 475 -16.05 6.59 -13.76
C THR A 475 -14.93 6.02 -12.88
N GLY A 476 -14.81 4.71 -12.80
CA GLY A 476 -13.66 4.08 -12.20
C GLY A 476 -12.45 4.22 -13.10
N GLY A 477 -11.27 4.12 -12.49
CA GLY A 477 -10.03 4.17 -13.22
C GLY A 477 -9.62 2.83 -13.79
N GLY A 478 -8.48 2.82 -14.45
CA GLY A 478 -7.96 1.62 -15.06
C GLY A 478 -6.45 1.62 -15.07
N GLY A 479 -5.88 0.85 -15.98
CA GLY A 479 -4.46 0.84 -16.20
C GLY A 479 -3.79 -0.33 -15.53
N GLY A 480 -2.57 -0.60 -15.96
CA GLY A 480 -1.79 -1.67 -15.36
C GLY A 480 -2.18 -3.08 -15.76
N GLU A 481 -1.72 -4.03 -14.95
CA GLU A 481 -1.71 -5.46 -15.35
C GLU A 481 -2.97 -6.21 -15.00
N TYR A 482 -3.91 -5.59 -14.30
CA TYR A 482 -5.19 -6.26 -14.01
C TYR A 482 -6.35 -5.27 -14.08
N PRO A 483 -7.57 -5.76 -14.22
CA PRO A 483 -8.71 -4.85 -14.32
C PRO A 483 -9.13 -4.18 -13.03
N LEU A 484 -9.79 -3.04 -13.17
CA LEU A 484 -10.37 -2.35 -12.03
C LEU A 484 -11.13 -3.32 -11.13
N GLN A 485 -10.83 -3.29 -9.83
CA GLN A 485 -11.50 -4.16 -8.88
C GLN A 485 -12.59 -3.45 -8.09
N ASP A 486 -13.53 -4.26 -7.58
CA ASP A 486 -14.72 -3.74 -6.90
C ASP A 486 -14.68 -4.10 -5.40
N GLY A 487 -15.24 -3.23 -4.57
CA GLY A 487 -15.51 -3.55 -3.18
C GLY A 487 -15.81 -2.28 -2.42
N PHE A 488 -14.80 -1.47 -2.10
CA PHE A 488 -13.40 -1.78 -2.16
C PHE A 488 -12.79 -1.20 -0.90
N GLY A 489 -12.16 -2.05 -0.09
CA GLY A 489 -11.77 -1.73 1.27
C GLY A 489 -11.41 -0.28 1.56
N TRP A 490 -10.30 0.21 1.02
CA TRP A 490 -9.87 1.57 1.41
C TRP A 490 -10.73 2.66 0.82
N THR A 491 -11.41 2.38 -0.29
CA THR A 491 -12.36 3.38 -0.83
C THR A 491 -13.51 3.54 0.15
N ASN A 492 -14.03 2.41 0.61
CA ASN A 492 -15.12 2.40 1.56
C ASN A 492 -14.75 3.10 2.86
N GLY A 493 -13.58 2.76 3.38
CA GLY A 493 -13.13 3.39 4.59
C GLY A 493 -12.90 4.88 4.51
N VAL A 494 -12.21 5.31 3.47
CA VAL A 494 -11.97 6.73 3.31
C VAL A 494 -13.27 7.48 3.05
N THR A 495 -14.18 6.89 2.28
CA THR A 495 -15.47 7.54 1.98
C THR A 495 -16.22 7.84 3.29
N LEU A 496 -16.24 6.87 4.20
CA LEU A 496 -16.90 7.10 5.51
CA LEU A 496 -16.93 7.09 5.46
C LEU A 496 -16.27 8.23 6.26
N LYS A 497 -14.94 8.26 6.31
CA LYS A 497 -14.25 9.34 7.01
C LYS A 497 -14.59 10.69 6.40
N MET A 498 -14.54 10.77 5.08
CA MET A 498 -14.82 12.01 4.40
C MET A 498 -16.29 12.44 4.52
N LEU A 499 -17.20 11.48 4.46
CA LEU A 499 -18.60 11.78 4.68
C LEU A 499 -18.81 12.47 6.02
N ASP A 500 -18.09 12.04 7.04
CA ASP A 500 -18.15 12.77 8.33
C ASP A 500 -17.56 14.17 8.32
N LEU A 501 -16.50 14.39 7.55
CA LEU A 501 -15.88 15.70 7.47
C LEU A 501 -16.81 16.71 6.75
N ILE A 502 -17.62 16.25 5.81
CA ILE A 502 -18.31 17.18 4.92
C ILE A 502 -19.70 17.60 5.40
N CYS A 503 -20.30 16.85 6.32
CA CYS A 503 -21.63 17.22 6.86
C CYS A 503 -21.56 17.37 8.37
N PRO A 504 -22.41 18.27 8.93
CA PRO A 504 -22.44 18.61 10.34
C PRO A 504 -22.31 17.49 11.37
N LYS A 505 -23.01 16.37 11.17
CA LYS A 505 -23.08 15.36 12.25
C LYS A 505 -24.24 15.62 13.22
N GLU A 506 -24.62 16.89 13.40
CA GLU A 506 -25.98 17.22 13.86
C GLU A 506 -26.97 17.01 12.71
N GLN A 507 -26.41 16.86 11.51
CA GLN A 507 -27.18 16.57 10.30
C GLN A 507 -26.24 15.79 9.39
N PRO A 508 -25.92 14.54 9.78
CA PRO A 508 -24.98 13.74 8.99
C PRO A 508 -25.61 13.31 7.70
N CYS A 509 -24.79 13.14 6.67
CA CYS A 509 -25.30 12.76 5.37
CA CYS A 509 -25.24 12.75 5.34
C CYS A 509 -25.01 11.28 5.09
N ASP A 510 -25.95 10.64 4.42
CA ASP A 510 -25.79 9.23 4.05
C ASP A 510 -25.47 9.09 2.56
N ASN A 511 -25.70 10.17 1.80
CA ASN A 511 -25.19 10.31 0.43
C ASN A 511 -24.46 11.64 0.36
N VAL A 512 -23.52 11.77 -0.57
CA VAL A 512 -22.81 13.03 -0.74
C VAL A 512 -23.78 14.05 -1.31
N PRO A 513 -23.97 15.18 -0.64
CA PRO A 513 -24.94 16.14 -1.19
C PRO A 513 -24.39 16.95 -2.36
N ALA A 514 -25.33 17.52 -3.11
CA ALA A 514 -25.05 18.34 -4.29
C ALA A 514 -24.64 19.77 -3.89
N THR A 515 -24.90 20.12 -2.63
CA THR A 515 -24.67 21.46 -2.12
C THR A 515 -23.90 21.28 -0.86
N ARG A 516 -22.82 22.04 -0.70
CA ARG A 516 -22.06 22.01 0.52
CA ARG A 516 -22.06 22.01 0.53
CA ARG A 516 -22.02 22.07 0.52
C ARG A 516 -22.90 22.63 1.65
N PRO A 517 -23.11 21.85 2.74
CA PRO A 517 -23.86 22.42 3.89
C PRO A 517 -23.35 23.79 4.36
O7 TTZ B . -3.97 -5.11 -2.98
C7 TTZ B . -4.91 -4.08 -2.93
C5A TTZ B . -4.36 -2.75 -3.40
O5A TTZ B . -5.46 -1.89 -3.27
C4A TTZ B . -3.20 -2.16 -2.58
O4A TTZ B . -2.62 -3.09 -1.65
C3A TTZ B . -2.13 -1.71 -3.58
O3A TTZ B . -1.41 -0.53 -3.20
C2A TTZ B . -2.83 -1.60 -4.95
S1 TTZ B . -1.78 -2.10 -6.30
C6A TTZ B . -3.89 -2.69 -4.86
N1 TTZ B . -3.17 -3.91 -5.31
C1A TTZ B . -2.08 -3.74 -5.93
N1' TTZ B . -1.25 -4.78 -6.15
C1 TTZ B . -1.43 -6.13 -5.66
C2 TTZ B . -0.31 -6.53 -4.67
O2 TTZ B . -0.20 -5.55 -3.63
O5 TTZ B . -1.46 -7.07 -6.77
C5 TTZ B . -0.22 -7.31 -7.44
C6 TTZ B . -0.45 -8.41 -8.47
O6 TTZ B . -1.31 -7.92 -9.52
C4 TTZ B . 0.85 -7.75 -6.45
O4 TTZ B . 2.06 -8.09 -7.11
C3 TTZ B . 1.04 -6.70 -5.36
O3 TTZ B . 2.01 -7.15 -4.45
#